data_4R0T
#
_entry.id   4R0T
#
_cell.length_a   78.835
_cell.length_b   82.614
_cell.length_c   120.816
_cell.angle_alpha   90.00
_cell.angle_beta   90.00
_cell.angle_gamma   90.00
#
_symmetry.space_group_name_H-M   'I 21 21 21'
#
loop_
_entity.id
_entity.type
_entity.pdbx_description
1 polymer 'Protein tyrosine phosphatase TpbA'
2 non-polymer TYROSINE
3 non-polymer 'PHOSPHATE ION'
4 water water
#
_entity_poly.entity_id   1
_entity_poly.type   'polypeptide(L)'
_entity_poly.pdbx_seq_one_letter_code
;MHRSPLAWLRLLLAAVLGAFLLGGPLHAAETAATRSPAWAQAVDPSINLYRMSPTLYRSALPNAQSVALLQRLQVKTVVS
FIKDDDRAWLGQAPVRVLSLPTHADRVDDAEVLSVLRQLQAAEREGPVLMHSKHGNNRTGLFAAMYRIVVQGWDKQAALE
EMQHGGFGDEDDMRDASAYVRGADVDGLRLAMANGECSPSRFAVCHVREWMAQALDRP
;
_entity_poly.pdbx_strand_id   B,A
#
# COMPACT_ATOMS: atom_id res chain seq x y z
N THR A 34 -26.49 -6.38 -17.29
CA THR A 34 -26.94 -6.60 -15.93
C THR A 34 -28.40 -6.21 -15.74
N ARG A 35 -29.29 -7.17 -15.95
CA ARG A 35 -30.71 -6.96 -15.68
C ARG A 35 -31.12 -7.90 -14.55
N SER A 36 -30.38 -9.00 -14.42
CA SER A 36 -30.47 -9.82 -13.22
C SER A 36 -29.84 -9.06 -12.05
N PRO A 37 -30.62 -8.84 -10.99
CA PRO A 37 -30.17 -8.04 -9.84
C PRO A 37 -28.99 -8.69 -9.10
N ALA A 38 -28.70 -9.95 -9.40
CA ALA A 38 -27.61 -10.66 -8.76
C ALA A 38 -26.27 -10.38 -9.43
N TRP A 39 -26.31 -9.87 -10.65
CA TRP A 39 -25.09 -9.54 -11.38
C TRP A 39 -24.50 -8.23 -10.86
N ALA A 40 -23.24 -7.96 -11.23
CA ALA A 40 -22.55 -6.76 -10.79
C ALA A 40 -23.24 -5.50 -11.28
N GLN A 41 -23.49 -4.56 -10.37
CA GLN A 41 -24.20 -3.33 -10.71
C GLN A 41 -23.27 -2.25 -11.19
N ALA A 42 -23.71 -1.50 -12.20
CA ALA A 42 -22.88 -0.49 -12.83
C ALA A 42 -22.70 0.75 -11.96
N VAL A 43 -21.48 1.27 -11.94
CA VAL A 43 -21.16 2.48 -11.19
C VAL A 43 -20.57 3.54 -12.11
N ASP A 44 -19.55 3.16 -12.87
CA ASP A 44 -18.90 4.07 -13.81
C ASP A 44 -18.48 3.31 -15.07
N PRO A 45 -19.37 3.26 -16.07
CA PRO A 45 -19.14 2.56 -17.34
C PRO A 45 -17.96 3.13 -18.15
N SER A 46 -17.56 4.36 -17.87
CA SER A 46 -16.45 4.97 -18.59
C SER A 46 -15.14 4.22 -18.33
N ILE A 47 -14.98 3.73 -17.10
CA ILE A 47 -13.84 2.91 -16.76
C ILE A 47 -14.29 1.48 -16.48
N ASN A 48 -15.49 1.16 -16.95
CA ASN A 48 -16.07 -0.19 -16.84
C ASN A 48 -16.16 -0.66 -15.39
N LEU A 49 -16.49 0.25 -14.48
CA LEU A 49 -16.51 -0.04 -13.06
C LEU A 49 -17.85 -0.58 -12.58
N TYR A 50 -17.84 -1.79 -12.02
CA TYR A 50 -19.05 -2.43 -11.52
C TYR A 50 -18.89 -2.86 -10.07
N ARG A 51 -20.01 -2.89 -9.33
CA ARG A 51 -20.00 -3.32 -7.94
C ARG A 51 -20.48 -4.76 -7.80
N MET A 52 -19.62 -5.62 -7.27
CA MET A 52 -20.00 -6.99 -6.97
C MET A 52 -20.51 -7.10 -5.53
N SER A 53 -20.01 -6.22 -4.67
CA SER A 53 -20.36 -6.19 -3.27
C SER A 53 -19.86 -4.89 -2.65
N PRO A 54 -20.33 -4.56 -1.42
CA PRO A 54 -19.78 -3.38 -0.73
C PRO A 54 -18.27 -3.44 -0.52
N THR A 55 -17.65 -4.61 -0.64
CA THR A 55 -16.22 -4.76 -0.39
C THR A 55 -15.44 -5.19 -1.62
N LEU A 56 -16.10 -5.26 -2.78
CA LEU A 56 -15.43 -5.73 -3.99
C LEU A 56 -15.94 -5.02 -5.24
N TYR A 57 -15.00 -4.49 -6.03
CA TYR A 57 -15.34 -3.80 -7.27
C TYR A 57 -14.45 -4.28 -8.42
N ARG A 58 -15.04 -4.36 -9.61
CA ARG A 58 -14.28 -4.69 -10.82
C ARG A 58 -14.33 -3.54 -11.81
N SER A 59 -13.26 -3.34 -12.57
CA SER A 59 -13.19 -2.25 -13.52
C SER A 59 -12.09 -2.44 -14.56
N ALA A 60 -12.04 -1.53 -15.52
CA ALA A 60 -10.92 -1.43 -16.43
C ALA A 60 -9.85 -0.56 -15.79
N LEU A 61 -8.90 -0.09 -16.60
CA LEU A 61 -7.84 0.77 -16.09
C LEU A 61 -8.37 2.14 -15.68
N PRO A 62 -8.29 2.46 -14.38
CA PRO A 62 -8.76 3.75 -13.87
C PRO A 62 -7.76 4.87 -14.13
N ASN A 63 -8.19 6.12 -13.95
CA ASN A 63 -7.30 7.26 -14.11
C ASN A 63 -7.31 8.17 -12.87
N ALA A 64 -6.79 9.37 -13.02
CA ALA A 64 -6.73 10.32 -11.91
C ALA A 64 -8.13 10.81 -11.52
N GLN A 65 -9.04 10.83 -12.49
CA GLN A 65 -10.40 11.29 -12.24
C GLN A 65 -11.21 10.27 -11.45
N SER A 66 -10.75 9.03 -11.42
CA SER A 66 -11.46 7.95 -10.74
C SER A 66 -11.19 7.92 -9.25
N VAL A 67 -10.11 8.60 -8.83
CA VAL A 67 -9.66 8.58 -7.44
C VAL A 67 -10.73 9.00 -6.45
N ALA A 68 -11.44 10.09 -6.76
CA ALA A 68 -12.48 10.62 -5.89
C ALA A 68 -13.59 9.60 -5.66
N LEU A 69 -14.03 8.95 -6.73
CA LEU A 69 -15.08 7.93 -6.64
C LEU A 69 -14.63 6.73 -5.82
N LEU A 70 -13.39 6.31 -6.02
CA LEU A 70 -12.85 5.17 -5.30
C LEU A 70 -12.80 5.42 -3.79
N GLN A 71 -12.64 6.68 -3.42
CA GLN A 71 -12.60 7.06 -2.01
C GLN A 71 -13.99 7.18 -1.41
N ARG A 72 -15.00 7.41 -2.26
CA ARG A 72 -16.38 7.37 -1.81
C ARG A 72 -16.78 5.94 -1.51
N LEU A 73 -16.37 5.02 -2.38
CA LEU A 73 -16.62 3.61 -2.19
C LEU A 73 -15.72 3.05 -1.09
N GLN A 74 -14.84 3.91 -0.59
CA GLN A 74 -13.95 3.60 0.52
C GLN A 74 -13.03 2.43 0.19
N VAL A 75 -12.46 2.45 -1.01
CA VAL A 75 -11.53 1.41 -1.43
C VAL A 75 -10.22 1.50 -0.66
N LYS A 76 -9.76 0.37 -0.12
CA LYS A 76 -8.52 0.33 0.64
C LYS A 76 -7.41 -0.40 -0.12
N THR A 77 -7.79 -1.27 -1.05
CA THR A 77 -6.82 -2.02 -1.84
C THR A 77 -7.16 -2.00 -3.32
N VAL A 78 -6.17 -1.69 -4.15
CA VAL A 78 -6.33 -1.73 -5.59
C VAL A 78 -5.49 -2.84 -6.19
N VAL A 79 -6.15 -3.93 -6.60
CA VAL A 79 -5.45 -5.06 -7.21
C VAL A 79 -5.41 -4.90 -8.72
N SER A 80 -4.22 -5.04 -9.30
CA SER A 80 -4.05 -4.89 -10.73
C SER A 80 -3.50 -6.16 -11.37
N PHE A 81 -4.08 -6.54 -12.51
CA PHE A 81 -3.64 -7.73 -13.23
C PHE A 81 -2.77 -7.34 -14.42
N ILE A 82 -2.31 -6.09 -14.42
CA ILE A 82 -1.39 -5.61 -15.45
C ILE A 82 -0.18 -4.93 -14.81
N LYS A 83 0.70 -4.40 -15.64
CA LYS A 83 1.99 -3.90 -15.16
C LYS A 83 1.99 -2.41 -14.83
N ASP A 84 0.96 -1.70 -15.28
CA ASP A 84 0.87 -0.26 -15.07
C ASP A 84 0.86 0.09 -13.58
N ASP A 85 1.87 0.83 -13.15
CA ASP A 85 1.99 1.25 -11.75
C ASP A 85 0.84 2.19 -11.38
N ASP A 86 -0.11 1.66 -10.61
CA ASP A 86 -1.30 2.41 -10.25
C ASP A 86 -0.96 3.60 -9.34
N ARG A 87 0.18 3.54 -8.68
CA ARG A 87 0.62 4.61 -7.79
C ARG A 87 0.81 5.92 -8.57
N ALA A 88 0.97 5.82 -9.88
CA ALA A 88 1.11 7.00 -10.73
C ALA A 88 -0.17 7.82 -10.77
N TRP A 89 -1.30 7.17 -11.03
CA TRP A 89 -2.58 7.88 -11.11
C TRP A 89 -3.31 7.94 -9.77
N LEU A 90 -2.84 7.16 -8.80
CA LEU A 90 -3.43 7.16 -7.47
C LEU A 90 -3.04 8.40 -6.69
N GLY A 91 -1.84 8.91 -6.93
CA GLY A 91 -1.32 10.04 -6.18
C GLY A 91 -1.00 9.61 -4.75
N GLN A 92 -1.26 10.50 -3.80
CA GLN A 92 -1.01 10.19 -2.40
C GLN A 92 -2.25 9.62 -1.72
N ALA A 93 -3.05 8.88 -2.48
CA ALA A 93 -4.21 8.20 -1.90
C ALA A 93 -3.76 7.08 -0.97
N PRO A 94 -4.24 7.12 0.29
CA PRO A 94 -3.84 6.13 1.30
C PRO A 94 -4.43 4.74 1.05
N VAL A 95 -4.16 4.16 -0.11
CA VAL A 95 -4.61 2.81 -0.42
C VAL A 95 -3.42 1.89 -0.66
N ARG A 96 -3.60 0.61 -0.39
CA ARG A 96 -2.56 -0.38 -0.65
C ARG A 96 -2.56 -0.79 -2.11
N VAL A 97 -1.38 -0.86 -2.71
CA VAL A 97 -1.25 -1.32 -4.09
C VAL A 97 -0.79 -2.78 -4.13
N LEU A 98 -1.65 -3.63 -4.68
CA LEU A 98 -1.32 -5.05 -4.84
C LEU A 98 -1.22 -5.39 -6.32
N SER A 99 0.01 -5.45 -6.83
CA SER A 99 0.23 -5.72 -8.23
C SER A 99 0.38 -7.22 -8.52
N LEU A 100 -0.53 -7.74 -9.33
CA LEU A 100 -0.48 -9.15 -9.74
C LEU A 100 -0.53 -9.27 -11.26
N PRO A 101 0.53 -8.80 -11.95
CA PRO A 101 0.54 -8.80 -13.42
C PRO A 101 0.51 -10.21 -13.99
N THR A 102 -0.34 -10.44 -15.00
CA THR A 102 -0.48 -11.76 -15.58
C THR A 102 -0.96 -11.74 -17.02
N HIS A 103 -1.06 -12.93 -17.60
CA HIS A 103 -1.59 -13.11 -18.94
C HIS A 103 -2.72 -14.13 -18.91
N ALA A 104 -3.88 -13.75 -19.42
CA ALA A 104 -5.08 -14.58 -19.37
C ALA A 104 -4.90 -15.93 -20.03
N ASP A 105 -4.01 -16.01 -21.02
CA ASP A 105 -3.77 -17.25 -21.74
C ASP A 105 -2.78 -18.15 -21.01
N ARG A 106 -2.31 -17.69 -19.85
CA ARG A 106 -1.30 -18.41 -19.10
C ARG A 106 -1.76 -18.77 -17.69
N VAL A 107 -2.93 -18.26 -17.30
CA VAL A 107 -3.43 -18.53 -15.95
C VAL A 107 -3.89 -19.97 -15.80
N ASP A 108 -3.67 -20.54 -14.62
CA ASP A 108 -4.13 -21.88 -14.31
C ASP A 108 -4.82 -21.88 -12.95
N ASP A 109 -5.16 -23.08 -12.46
CA ASP A 109 -5.85 -23.21 -11.18
C ASP A 109 -4.99 -22.70 -10.03
N ALA A 110 -3.68 -22.90 -10.15
CA ALA A 110 -2.74 -22.46 -9.11
C ALA A 110 -2.77 -20.94 -8.93
N GLU A 111 -2.73 -20.22 -10.04
CA GLU A 111 -2.75 -18.76 -10.00
C GLU A 111 -4.09 -18.24 -9.50
N VAL A 112 -5.17 -18.90 -9.94
CA VAL A 112 -6.52 -18.50 -9.54
C VAL A 112 -6.72 -18.58 -8.03
N LEU A 113 -6.28 -19.68 -7.44
CA LEU A 113 -6.39 -19.87 -5.99
C LEU A 113 -5.57 -18.83 -5.24
N SER A 114 -4.39 -18.51 -5.76
CA SER A 114 -3.52 -17.51 -5.14
C SER A 114 -4.16 -16.13 -5.18
N VAL A 115 -4.82 -15.82 -6.29
CA VAL A 115 -5.48 -14.53 -6.45
C VAL A 115 -6.72 -14.43 -5.58
N LEU A 116 -7.52 -15.50 -5.57
CA LEU A 116 -8.75 -15.52 -4.77
C LEU A 116 -8.45 -15.42 -3.28
N ARG A 117 -7.35 -16.02 -2.85
CA ARG A 117 -6.92 -15.92 -1.45
C ARG A 117 -6.50 -14.49 -1.11
N GLN A 118 -5.77 -13.87 -2.02
CA GLN A 118 -5.30 -12.50 -1.81
C GLN A 118 -6.45 -11.49 -1.89
N LEU A 119 -7.45 -11.80 -2.71
CA LEU A 119 -8.64 -10.95 -2.79
C LEU A 119 -9.45 -11.04 -1.51
N GLN A 120 -9.64 -12.24 -1.00
CA GLN A 120 -10.39 -12.46 0.23
C GLN A 120 -9.71 -11.78 1.41
N ALA A 121 -8.39 -11.93 1.49
CA ALA A 121 -7.61 -11.32 2.57
C ALA A 121 -7.69 -9.80 2.50
N ALA A 122 -7.73 -9.27 1.28
CA ALA A 122 -7.80 -7.83 1.08
C ALA A 122 -9.19 -7.30 1.43
N GLU A 123 -10.21 -8.13 1.23
CA GLU A 123 -11.57 -7.76 1.57
C GLU A 123 -11.74 -7.56 3.07
N ARG A 124 -10.99 -8.35 3.84
CA ARG A 124 -11.05 -8.27 5.30
C ARG A 124 -10.42 -6.98 5.82
N GLU A 125 -9.64 -6.32 4.96
CA GLU A 125 -9.03 -5.04 5.31
C GLU A 125 -9.94 -3.89 4.90
N GLY A 126 -10.89 -4.18 4.02
CA GLY A 126 -11.81 -3.19 3.53
C GLY A 126 -12.17 -3.44 2.07
N PRO A 127 -12.95 -2.52 1.47
CA PRO A 127 -13.35 -2.62 0.06
C PRO A 127 -12.16 -2.73 -0.88
N VAL A 128 -12.31 -3.53 -1.92
CA VAL A 128 -11.21 -3.81 -2.85
C VAL A 128 -11.63 -3.55 -4.30
N LEU A 129 -10.73 -2.93 -5.05
CA LEU A 129 -10.91 -2.79 -6.49
C LEU A 129 -9.90 -3.65 -7.23
N MET A 130 -10.40 -4.54 -8.08
CA MET A 130 -9.54 -5.33 -8.96
C MET A 130 -9.77 -4.88 -10.40
N HIS A 131 -8.69 -4.75 -11.16
CA HIS A 131 -8.81 -4.22 -12.52
C HIS A 131 -7.72 -4.74 -13.46
N SER A 132 -7.93 -4.49 -14.74
CA SER A 132 -6.94 -4.81 -15.76
C SER A 132 -6.91 -3.69 -16.80
N LYS A 133 -6.64 -4.04 -18.05
CA LYS A 133 -6.62 -3.04 -19.11
C LYS A 133 -8.03 -2.69 -19.56
N HIS A 134 -8.81 -3.71 -19.91
CA HIS A 134 -10.17 -3.49 -20.39
C HIS A 134 -11.21 -4.01 -19.40
N GLY A 135 -10.76 -4.77 -18.41
CA GLY A 135 -11.62 -5.23 -17.34
C GLY A 135 -12.73 -6.16 -17.76
N ASN A 136 -12.44 -7.10 -18.66
CA ASN A 136 -13.43 -8.05 -19.12
C ASN A 136 -12.86 -9.43 -19.43
N ASN A 137 -11.55 -9.49 -19.61
CA ASN A 137 -10.87 -10.75 -19.88
C ASN A 137 -10.20 -11.30 -18.62
N ARG A 138 -9.06 -10.71 -18.26
CA ARG A 138 -8.36 -11.07 -17.03
C ARG A 138 -9.23 -10.80 -15.82
N THR A 139 -9.84 -9.61 -15.80
CA THR A 139 -10.74 -9.25 -14.71
C THR A 139 -11.99 -10.14 -14.75
N GLY A 140 -12.52 -10.35 -15.94
CA GLY A 140 -13.69 -11.20 -16.12
C GLY A 140 -13.45 -12.63 -15.69
N LEU A 141 -12.23 -13.10 -15.85
CA LEU A 141 -11.87 -14.45 -15.45
C LEU A 141 -11.88 -14.59 -13.93
N PHE A 142 -11.13 -13.72 -13.26
CA PHE A 142 -11.02 -13.77 -11.81
C PHE A 142 -12.33 -13.39 -11.13
N ALA A 143 -13.15 -12.58 -11.80
CA ALA A 143 -14.46 -12.23 -11.27
C ALA A 143 -15.38 -13.44 -11.29
N ALA A 144 -15.37 -14.16 -12.40
CA ALA A 144 -16.19 -15.36 -12.55
C ALA A 144 -15.78 -16.45 -11.56
N MET A 145 -14.47 -16.55 -11.32
CA MET A 145 -13.94 -17.54 -10.40
C MET A 145 -14.30 -17.19 -8.95
N TYR A 146 -14.38 -15.91 -8.65
CA TYR A 146 -14.82 -15.46 -7.34
C TYR A 146 -16.29 -15.85 -7.15
N ARG A 147 -17.08 -15.69 -8.21
CA ARG A 147 -18.48 -16.07 -8.20
C ARG A 147 -18.64 -17.57 -7.94
N ILE A 148 -17.79 -18.37 -8.58
CA ILE A 148 -17.89 -19.82 -8.50
C ILE A 148 -17.30 -20.39 -7.22
N VAL A 149 -16.05 -20.03 -6.92
CA VAL A 149 -15.33 -20.62 -5.80
C VAL A 149 -15.74 -20.02 -4.45
N VAL A 150 -15.83 -18.70 -4.39
CA VAL A 150 -16.11 -18.03 -3.12
C VAL A 150 -17.61 -17.93 -2.84
N GLN A 151 -18.37 -17.47 -3.83
CA GLN A 151 -19.81 -17.27 -3.63
C GLN A 151 -20.64 -18.49 -4.02
N GLY A 152 -19.98 -19.52 -4.53
CA GLY A 152 -20.63 -20.79 -4.78
C GLY A 152 -21.60 -20.84 -5.95
N TRP A 153 -21.41 -19.97 -6.93
CA TRP A 153 -22.18 -20.04 -8.16
C TRP A 153 -21.74 -21.25 -8.97
N ASP A 154 -22.64 -21.80 -9.77
CA ASP A 154 -22.25 -22.88 -10.70
C ASP A 154 -21.59 -22.26 -11.92
N LYS A 155 -20.92 -23.08 -12.71
CA LYS A 155 -20.05 -22.58 -13.79
C LYS A 155 -20.75 -21.68 -14.82
N GLN A 156 -21.92 -22.10 -15.29
CA GLN A 156 -22.63 -21.39 -16.35
C GLN A 156 -23.21 -20.06 -15.89
N ALA A 157 -23.56 -19.98 -14.61
CA ALA A 157 -24.09 -18.75 -14.06
C ALA A 157 -23.03 -17.66 -14.10
N ALA A 158 -21.82 -18.00 -13.67
CA ALA A 158 -20.72 -17.06 -13.69
C ALA A 158 -20.32 -16.69 -15.11
N LEU A 159 -20.41 -17.66 -16.01
CA LEU A 159 -20.11 -17.43 -17.43
C LEU A 159 -21.08 -16.44 -18.05
N GLU A 160 -22.37 -16.61 -17.73
CA GLU A 160 -23.40 -15.77 -18.30
C GLU A 160 -23.24 -14.32 -17.87
N GLU A 161 -22.67 -14.12 -16.69
CA GLU A 161 -22.40 -12.78 -16.19
C GLU A 161 -21.13 -12.23 -16.81
N MET A 162 -20.20 -13.12 -17.16
CA MET A 162 -18.94 -12.71 -17.73
C MET A 162 -19.10 -12.25 -19.18
N GLN A 163 -19.75 -13.07 -19.99
CA GLN A 163 -19.90 -12.80 -21.42
C GLN A 163 -20.98 -11.77 -21.70
N HIS A 164 -22.02 -11.77 -20.86
CA HIS A 164 -23.06 -10.74 -20.94
C HIS A 164 -23.18 -10.04 -19.60
N GLY A 165 -23.29 -8.71 -19.64
CA GLY A 165 -23.32 -7.91 -18.44
C GLY A 165 -22.80 -6.52 -18.74
N GLY A 166 -22.21 -6.38 -19.92
CA GLY A 166 -21.76 -5.08 -20.39
C GLY A 166 -20.27 -4.82 -20.18
N PHE A 167 -19.51 -5.88 -19.94
CA PHE A 167 -18.07 -5.74 -19.75
C PHE A 167 -17.35 -5.76 -21.10
N GLY A 168 -17.98 -6.37 -22.09
CA GLY A 168 -17.42 -6.43 -23.43
C GLY A 168 -18.09 -7.51 -24.27
N ASP A 169 -17.55 -7.73 -25.47
CA ASP A 169 -18.06 -8.80 -26.33
C ASP A 169 -17.12 -10.01 -26.27
N GLU A 170 -17.67 -11.18 -26.61
CA GLU A 170 -17.00 -12.46 -26.38
C GLU A 170 -15.65 -12.60 -27.10
N ASP A 171 -15.43 -11.78 -28.12
CA ASP A 171 -14.15 -11.77 -28.83
C ASP A 171 -13.03 -11.33 -27.89
N ASP A 172 -13.37 -10.49 -26.92
CA ASP A 172 -12.40 -9.98 -25.96
C ASP A 172 -12.15 -10.98 -24.83
N MET A 173 -12.97 -12.02 -24.74
CA MET A 173 -12.93 -12.92 -23.59
C MET A 173 -12.63 -14.37 -23.93
N ARG A 174 -12.06 -14.61 -25.10
CA ARG A 174 -11.76 -15.98 -25.54
C ARG A 174 -10.88 -16.71 -24.54
N ASP A 175 -9.87 -16.03 -24.03
CA ASP A 175 -8.96 -16.62 -23.05
C ASP A 175 -9.67 -16.90 -21.73
N ALA A 176 -10.47 -15.93 -21.28
CA ALA A 176 -11.20 -16.07 -20.03
C ALA A 176 -12.26 -17.17 -20.12
N SER A 177 -13.03 -17.14 -21.21
CA SER A 177 -14.06 -18.14 -21.44
C SER A 177 -13.47 -19.54 -21.50
N ALA A 178 -12.29 -19.65 -22.11
CA ALA A 178 -11.63 -20.93 -22.28
C ALA A 178 -11.24 -21.55 -20.94
N TYR A 179 -10.79 -20.73 -20.00
CA TYR A 179 -10.37 -21.26 -18.71
C TYR A 179 -11.54 -21.68 -17.84
N VAL A 180 -12.55 -20.82 -17.75
CA VAL A 180 -13.72 -21.10 -16.91
C VAL A 180 -14.32 -22.46 -17.26
N ARG A 181 -14.50 -22.72 -18.54
CA ARG A 181 -14.87 -24.05 -19.00
C ARG A 181 -13.69 -24.99 -18.80
N GLY A 182 -13.96 -26.18 -18.25
CA GLY A 182 -12.90 -27.16 -18.05
C GLY A 182 -12.09 -26.93 -16.79
N ALA A 183 -12.49 -25.92 -16.01
CA ALA A 183 -11.89 -25.68 -14.71
C ALA A 183 -12.61 -26.51 -13.65
N ASP A 184 -11.87 -27.37 -12.96
CA ASP A 184 -12.46 -28.21 -11.92
C ASP A 184 -12.91 -27.35 -10.75
N VAL A 185 -14.20 -27.02 -10.74
CA VAL A 185 -14.76 -26.14 -9.71
C VAL A 185 -14.79 -26.83 -8.34
N ASP A 186 -14.89 -28.15 -8.34
CA ASP A 186 -14.92 -28.90 -7.08
C ASP A 186 -13.53 -29.02 -6.48
N GLY A 187 -12.52 -29.18 -7.34
CA GLY A 187 -11.15 -29.23 -6.89
C GLY A 187 -10.69 -27.87 -6.39
N LEU A 188 -11.20 -26.81 -7.01
CA LEU A 188 -10.88 -25.45 -6.62
C LEU A 188 -11.49 -25.10 -5.26
N ARG A 189 -12.75 -25.48 -5.08
CA ARG A 189 -13.44 -25.24 -3.81
C ARG A 189 -12.81 -26.06 -2.68
N LEU A 190 -12.40 -27.28 -3.01
CA LEU A 190 -11.78 -28.17 -2.03
C LEU A 190 -10.41 -27.63 -1.60
N ALA A 191 -9.61 -27.21 -2.57
CA ALA A 191 -8.29 -26.66 -2.29
C ALA A 191 -8.40 -25.34 -1.54
N MET A 192 -9.50 -24.63 -1.78
CA MET A 192 -9.75 -23.36 -1.12
C MET A 192 -10.10 -23.58 0.35
N ALA A 193 -10.85 -24.63 0.62
CA ALA A 193 -11.30 -24.94 1.98
C ALA A 193 -10.15 -25.45 2.84
N ASN A 194 -9.09 -25.92 2.19
CA ASN A 194 -7.93 -26.46 2.91
C ASN A 194 -7.10 -25.35 3.54
N GLY A 195 -6.56 -24.47 2.71
CA GLY A 195 -5.76 -23.36 3.19
C GLY A 195 -6.58 -22.30 3.88
N THR B 34 20.58 5.38 23.82
CA THR B 34 19.31 5.70 24.46
C THR B 34 19.40 5.47 25.97
N ARG B 35 19.90 6.47 26.68
CA ARG B 35 19.97 6.44 28.13
C ARG B 35 18.71 7.11 28.71
N SER B 36 18.35 8.25 28.11
CA SER B 36 17.11 8.92 28.45
C SER B 36 15.92 8.07 28.00
N PRO B 37 14.93 7.90 28.90
CA PRO B 37 13.75 7.08 28.60
C PRO B 37 12.83 7.74 27.56
N ALA B 38 13.11 8.99 27.22
CA ALA B 38 12.30 9.74 26.27
C ALA B 38 12.74 9.49 24.84
N TRP B 39 13.97 9.01 24.67
CA TRP B 39 14.50 8.73 23.34
C TRP B 39 13.90 7.44 22.77
N ALA B 40 14.19 7.19 21.50
CA ALA B 40 13.68 5.99 20.83
C ALA B 40 14.25 4.72 21.44
N GLN B 41 13.38 3.81 21.85
CA GLN B 41 13.79 2.56 22.49
C GLN B 41 14.14 1.50 21.46
N ALA B 42 15.16 0.71 21.76
CA ALA B 42 15.66 -0.31 20.84
C ALA B 42 14.69 -1.47 20.69
N VAL B 43 14.59 -2.01 19.48
CA VAL B 43 13.73 -3.16 19.20
C VAL B 43 14.51 -4.26 18.48
N ASP B 44 15.21 -3.87 17.41
CA ASP B 44 16.02 -4.80 16.64
C ASP B 44 17.25 -4.11 16.06
N PRO B 45 18.38 -4.19 16.76
CA PRO B 45 19.64 -3.54 16.37
C PRO B 45 20.21 -4.06 15.04
N SER B 46 19.81 -5.25 14.64
CA SER B 46 20.33 -5.86 13.41
C SER B 46 19.92 -5.05 12.18
N ILE B 47 18.77 -4.39 12.27
CA ILE B 47 18.32 -3.50 11.21
C ILE B 47 18.13 -2.09 11.74
N ASN B 48 18.71 -1.83 12.90
CA ASN B 48 18.69 -0.52 13.54
C ASN B 48 17.27 -0.01 13.80
N LEU B 49 16.39 -0.91 14.23
CA LEU B 49 14.98 -0.60 14.43
C LEU B 49 14.69 -0.09 15.84
N TYR B 50 14.19 1.14 15.93
CA TYR B 50 13.85 1.76 17.20
C TYR B 50 12.39 2.21 17.24
N ARG B 51 11.81 2.22 18.44
CA ARG B 51 10.43 2.68 18.62
C ARG B 51 10.38 4.10 19.15
N MET B 52 9.74 4.99 18.41
CA MET B 52 9.52 6.36 18.87
C MET B 52 8.18 6.46 19.57
N SER B 53 7.24 5.62 19.16
CA SER B 53 5.89 5.61 19.71
C SER B 53 5.19 4.33 19.26
N PRO B 54 4.05 3.98 19.89
CA PRO B 54 3.28 2.82 19.44
C PRO B 54 2.85 2.89 17.97
N THR B 55 2.93 4.07 17.36
CA THR B 55 2.51 4.22 15.97
C THR B 55 3.64 4.69 15.05
N LEU B 56 4.86 4.77 15.58
CA LEU B 56 5.99 5.25 14.79
C LEU B 56 7.28 4.49 15.09
N TYR B 57 7.93 4.00 14.03
CA TYR B 57 9.19 3.28 14.16
C TYR B 57 10.21 3.78 13.14
N ARG B 58 11.47 3.82 13.55
CA ARG B 58 12.57 4.17 12.67
C ARG B 58 13.52 2.99 12.53
N SER B 59 14.13 2.83 11.36
CA SER B 59 15.05 1.71 11.13
C SER B 59 15.93 1.93 9.91
N ALA B 60 16.87 1.00 9.71
CA ALA B 60 17.64 0.94 8.47
C ALA B 60 16.84 0.13 7.45
N LEU B 61 17.51 -0.33 6.41
CA LEU B 61 16.85 -1.15 5.39
C LEU B 61 16.48 -2.51 5.96
N PRO B 62 15.17 -2.82 6.01
CA PRO B 62 14.70 -4.12 6.50
C PRO B 62 14.78 -5.20 5.43
N ASN B 63 14.70 -6.46 5.85
CA ASN B 63 14.73 -7.57 4.91
C ASN B 63 13.52 -8.48 5.05
N ALA B 64 13.59 -9.67 4.48
CA ALA B 64 12.48 -10.61 4.47
C ALA B 64 12.13 -11.11 5.86
N GLN B 65 13.14 -11.29 6.70
CA GLN B 65 12.94 -11.83 8.04
C GLN B 65 12.39 -10.77 9.00
N SER B 66 12.42 -9.52 8.58
CA SER B 66 11.92 -8.42 9.40
C SER B 66 10.39 -8.32 9.33
N VAL B 67 9.82 -9.00 8.34
CA VAL B 67 8.38 -8.96 8.11
C VAL B 67 7.58 -9.48 9.31
N ALA B 68 8.05 -10.57 9.89
CA ALA B 68 7.38 -11.18 11.05
C ALA B 68 7.26 -10.21 12.22
N LEU B 69 8.33 -9.46 12.46
CA LEU B 69 8.37 -8.49 13.56
C LEU B 69 7.48 -7.29 13.26
N LEU B 70 7.47 -6.85 12.01
CA LEU B 70 6.72 -5.67 11.62
C LEU B 70 5.21 -5.85 11.79
N GLN B 71 4.74 -7.09 11.78
CA GLN B 71 3.30 -7.32 11.84
C GLN B 71 2.75 -7.66 13.23
N ARG B 72 3.63 -8.01 14.17
CA ARG B 72 3.21 -8.09 15.56
C ARG B 72 3.38 -6.73 16.21
N LEU B 73 4.16 -5.86 15.56
CA LEU B 73 4.16 -4.44 15.88
C LEU B 73 2.99 -3.78 15.15
N GLN B 74 2.35 -4.55 14.28
CA GLN B 74 1.16 -4.14 13.55
C GLN B 74 1.39 -2.92 12.66
N VAL B 75 2.51 -2.90 11.95
CA VAL B 75 2.82 -1.82 11.02
C VAL B 75 1.92 -1.91 9.79
N LYS B 76 1.32 -0.77 9.42
CA LYS B 76 0.42 -0.72 8.27
C LYS B 76 1.01 0.11 7.13
N THR B 77 1.99 0.94 7.44
CA THR B 77 2.62 1.78 6.43
C THR B 77 4.15 1.74 6.53
N VAL B 78 4.80 1.49 5.41
CA VAL B 78 6.26 1.49 5.35
C VAL B 78 6.79 2.61 4.47
N VAL B 79 7.32 3.65 5.10
CA VAL B 79 7.87 4.79 4.38
C VAL B 79 9.36 4.59 4.11
N SER B 80 9.76 4.80 2.86
CA SER B 80 11.16 4.64 2.47
C SER B 80 11.73 5.93 1.91
N PHE B 81 12.94 6.28 2.35
CA PHE B 81 13.61 7.48 1.87
C PHE B 81 14.68 7.13 0.86
N ILE B 82 14.65 5.89 0.39
CA ILE B 82 15.52 5.46 -0.69
C ILE B 82 14.67 4.89 -1.83
N LYS B 83 15.33 4.36 -2.86
CA LYS B 83 14.63 3.97 -4.08
C LYS B 83 14.38 2.47 -4.18
N ASP B 84 14.97 1.70 -3.28
CA ASP B 84 14.75 0.26 -3.26
C ASP B 84 13.29 -0.06 -2.99
N ASP B 85 12.67 -0.79 -3.90
CA ASP B 85 11.27 -1.18 -3.78
C ASP B 85 11.08 -2.14 -2.61
N ASP B 86 10.43 -1.65 -1.56
CA ASP B 86 10.23 -2.45 -0.35
C ASP B 86 9.32 -3.64 -0.57
N ARG B 87 8.48 -3.56 -1.60
CA ARG B 87 7.54 -4.65 -1.92
C ARG B 87 8.27 -5.94 -2.24
N ALA B 88 9.54 -5.84 -2.62
CA ALA B 88 10.37 -6.99 -2.92
C ALA B 88 10.57 -7.88 -1.69
N TRP B 89 10.91 -7.26 -0.56
CA TRP B 89 11.15 -8.01 0.67
C TRP B 89 9.91 -8.06 1.57
N LEU B 90 8.87 -7.32 1.19
CA LEU B 90 7.65 -7.29 1.99
C LEU B 90 6.73 -8.46 1.67
N GLY B 91 6.77 -8.94 0.43
CA GLY B 91 5.96 -10.06 0.01
C GLY B 91 4.48 -9.72 -0.06
N GLN B 92 3.64 -10.64 0.41
CA GLN B 92 2.19 -10.44 0.39
C GLN B 92 1.70 -9.78 1.67
N ALA B 93 2.60 -9.08 2.36
CA ALA B 93 2.24 -8.38 3.59
C ALA B 93 1.29 -7.23 3.29
N PRO B 94 0.09 -7.25 3.91
CA PRO B 94 -0.94 -6.24 3.68
C PRO B 94 -0.58 -4.89 4.29
N VAL B 95 0.50 -4.27 3.80
CA VAL B 95 0.90 -2.95 4.24
C VAL B 95 1.01 -2.00 3.04
N ARG B 96 0.80 -0.72 3.29
CA ARG B 96 0.90 0.27 2.23
C ARG B 96 2.34 0.76 2.08
N VAL B 97 2.83 0.80 0.85
CA VAL B 97 4.18 1.26 0.57
C VAL B 97 4.18 2.73 0.17
N LEU B 98 4.89 3.54 0.94
CA LEU B 98 5.05 4.96 0.64
C LEU B 98 6.50 5.28 0.34
N SER B 99 6.83 5.40 -0.95
CA SER B 99 8.19 5.65 -1.37
C SER B 99 8.46 7.15 -1.51
N LEU B 100 9.39 7.66 -0.70
CA LEU B 100 9.80 9.05 -0.77
C LEU B 100 11.31 9.17 -0.93
N PRO B 101 11.85 8.78 -2.10
CA PRO B 101 13.29 8.79 -2.33
C PRO B 101 13.87 10.19 -2.23
N THR B 102 15.05 10.32 -1.61
CA THR B 102 15.66 11.62 -1.41
C THR B 102 17.15 11.52 -1.09
N HIS B 103 17.82 12.66 -1.14
CA HIS B 103 19.20 12.77 -0.69
C HIS B 103 19.29 13.78 0.44
N ALA B 104 20.02 13.43 1.49
CA ALA B 104 20.06 14.23 2.72
C ALA B 104 20.60 15.65 2.50
N ASP B 105 21.48 15.80 1.51
CA ASP B 105 22.12 17.09 1.27
C ASP B 105 21.28 18.00 0.38
N ARG B 106 20.10 17.53 -0.02
CA ARG B 106 19.21 18.31 -0.88
C ARG B 106 17.88 18.58 -0.19
N VAL B 107 17.75 18.12 1.05
CA VAL B 107 16.51 18.30 1.82
C VAL B 107 16.35 19.74 2.29
N ASP B 108 15.18 20.32 2.02
CA ASP B 108 14.87 21.66 2.50
C ASP B 108 13.60 21.65 3.35
N ASP B 109 13.13 22.83 3.73
CA ASP B 109 11.96 22.96 4.60
C ASP B 109 10.69 22.41 3.95
N ALA B 110 10.55 22.62 2.65
CA ALA B 110 9.38 22.18 1.91
C ALA B 110 9.24 20.66 1.94
N GLU B 111 10.35 19.96 1.69
CA GLU B 111 10.36 18.51 1.68
C GLU B 111 10.06 17.94 3.06
N VAL B 112 10.63 18.58 4.09
CA VAL B 112 10.42 18.15 5.47
C VAL B 112 8.94 18.22 5.84
N LEU B 113 8.30 19.33 5.52
CA LEU B 113 6.88 19.52 5.81
C LEU B 113 6.03 18.51 5.06
N SER B 114 6.42 18.20 3.83
CA SER B 114 5.70 17.22 3.02
C SER B 114 5.79 15.84 3.66
N VAL B 115 7.00 15.47 4.07
CA VAL B 115 7.22 14.17 4.70
C VAL B 115 6.50 14.06 6.04
N LEU B 116 6.64 15.07 6.87
CA LEU B 116 6.05 15.07 8.21
C LEU B 116 4.52 14.94 8.18
N ARG B 117 3.89 15.61 7.22
CA ARG B 117 2.44 15.54 7.09
C ARG B 117 2.01 14.17 6.57
N GLN B 118 2.80 13.61 5.67
CA GLN B 118 2.52 12.27 5.14
C GLN B 118 2.74 11.22 6.22
N LEU B 119 3.68 11.49 7.13
CA LEU B 119 3.93 10.61 8.27
C LEU B 119 2.75 10.66 9.24
N GLN B 120 2.30 11.86 9.57
CA GLN B 120 1.16 12.05 10.46
C GLN B 120 -0.09 11.39 9.89
N ALA B 121 -0.35 11.62 8.61
CA ALA B 121 -1.51 11.05 7.95
C ALA B 121 -1.48 9.52 7.98
N ALA B 122 -0.27 8.97 7.82
CA ALA B 122 -0.09 7.52 7.83
C ALA B 122 -0.29 6.94 9.23
N GLU B 123 0.05 7.74 10.25
CA GLU B 123 -0.11 7.31 11.64
C GLU B 123 -1.59 7.12 11.97
N ARG B 124 -2.43 7.97 11.39
CA ARG B 124 -3.87 7.87 11.60
C ARG B 124 -4.43 6.59 11.00
N GLU B 125 -3.68 5.97 10.11
CA GLU B 125 -4.06 4.68 9.54
C GLU B 125 -3.60 3.53 10.42
N GLY B 126 -2.54 3.79 11.20
CA GLY B 126 -1.96 2.77 12.06
C GLY B 126 -0.47 3.01 12.23
N PRO B 127 0.22 2.09 12.90
CA PRO B 127 1.67 2.17 13.13
C PRO B 127 2.45 2.31 11.82
N VAL B 128 3.51 3.12 11.86
CA VAL B 128 4.27 3.45 10.66
C VAL B 128 5.76 3.19 10.85
N LEU B 129 6.40 2.64 9.81
CA LEU B 129 7.85 2.46 9.82
C LEU B 129 8.50 3.31 8.73
N MET B 130 9.36 4.24 9.15
CA MET B 130 10.16 5.02 8.22
C MET B 130 11.60 4.53 8.26
N HIS B 131 12.20 4.33 7.09
CA HIS B 131 13.55 3.77 7.03
C HIS B 131 14.38 4.33 5.88
N SER B 132 15.69 4.19 6.00
CA SER B 132 16.62 4.58 4.95
C SER B 132 17.44 3.38 4.53
N LYS B 133 18.74 3.59 4.33
CA LYS B 133 19.66 2.48 4.07
C LYS B 133 20.37 2.09 5.36
N HIS B 134 20.82 3.10 6.10
CA HIS B 134 21.48 2.87 7.38
C HIS B 134 20.60 3.37 8.52
N GLY B 135 19.62 4.18 8.18
CA GLY B 135 18.64 4.65 9.15
C GLY B 135 19.20 5.53 10.23
N ASN B 136 20.13 6.42 9.88
CA ASN B 136 20.67 7.39 10.83
C ASN B 136 20.78 8.79 10.24
N ASN B 137 21.08 8.89 8.95
CA ASN B 137 21.20 10.17 8.27
C ASN B 137 19.86 10.73 7.81
N ARG B 138 19.34 10.20 6.71
CA ARG B 138 18.03 10.62 6.20
C ARG B 138 16.94 10.35 7.22
N THR B 139 16.96 9.15 7.79
CA THR B 139 16.03 8.78 8.85
C THR B 139 16.24 9.65 10.07
N GLY B 140 17.50 9.88 10.43
CA GLY B 140 17.83 10.69 11.58
C GLY B 140 17.40 12.13 11.43
N LEU B 141 17.39 12.62 10.19
CA LEU B 141 16.94 13.98 9.91
C LEU B 141 15.44 14.11 10.17
N PHE B 142 14.64 13.29 9.48
CA PHE B 142 13.20 13.36 9.59
C PHE B 142 12.71 12.99 10.99
N ALA B 143 13.43 12.10 11.66
CA ALA B 143 13.09 11.74 13.03
C ALA B 143 13.27 12.94 13.94
N ALA B 144 14.38 13.65 13.76
CA ALA B 144 14.66 14.85 14.54
C ALA B 144 13.63 15.94 14.27
N MET B 145 13.21 16.06 13.01
CA MET B 145 12.22 17.05 12.64
C MET B 145 10.84 16.67 13.14
N TYR B 146 10.59 15.37 13.27
CA TYR B 146 9.34 14.90 13.85
C TYR B 146 9.30 15.28 15.32
N ARG B 147 10.42 15.05 16.02
CA ARG B 147 10.54 15.43 17.43
C ARG B 147 10.29 16.92 17.61
N ILE B 148 10.86 17.73 16.72
CA ILE B 148 10.79 19.18 16.84
C ILE B 148 9.44 19.75 16.42
N VAL B 149 9.05 19.49 15.18
CA VAL B 149 7.85 20.10 14.62
C VAL B 149 6.57 19.49 15.20
N VAL B 150 6.52 18.17 15.27
CA VAL B 150 5.31 17.49 15.72
C VAL B 150 5.22 17.41 17.24
N GLN B 151 6.25 16.86 17.87
CA GLN B 151 6.22 16.62 19.32
C GLN B 151 6.66 17.83 20.13
N GLY B 152 7.13 18.87 19.45
CA GLY B 152 7.46 20.13 20.10
C GLY B 152 8.77 20.16 20.86
N TRP B 153 9.69 19.26 20.52
CA TRP B 153 11.02 19.29 21.10
C TRP B 153 11.77 20.50 20.59
N ASP B 154 12.67 21.06 21.41
CA ASP B 154 13.53 22.13 20.93
C ASP B 154 14.68 21.53 20.12
N LYS B 155 15.41 22.37 19.41
CA LYS B 155 16.41 21.91 18.46
C LYS B 155 17.53 21.09 19.09
N GLN B 156 18.01 21.54 20.24
CA GLN B 156 19.14 20.88 20.90
C GLN B 156 18.81 19.47 21.37
N ALA B 157 17.59 19.28 21.86
CA ALA B 157 17.17 17.98 22.37
C ALA B 157 17.09 16.95 21.26
N ALA B 158 16.53 17.35 20.11
CA ALA B 158 16.39 16.44 18.98
C ALA B 158 17.75 16.06 18.41
N LEU B 159 18.66 17.02 18.36
CA LEU B 159 20.02 16.76 17.89
C LEU B 159 20.74 15.78 18.80
N GLU B 160 20.49 15.89 20.11
CA GLU B 160 21.16 15.06 21.09
C GLU B 160 20.76 13.59 20.95
N GLU B 161 19.46 13.34 20.83
CA GLU B 161 18.98 12.00 20.55
C GLU B 161 19.55 11.56 19.23
N MET B 162 19.58 12.47 18.27
CA MET B 162 20.00 12.13 16.93
C MET B 162 21.44 11.64 16.89
N GLN B 163 22.35 12.36 17.53
CA GLN B 163 23.72 12.15 17.14
C GLN B 163 24.31 11.19 18.18
N HIS B 164 23.60 11.01 19.31
CA HIS B 164 24.07 10.16 20.44
C HIS B 164 23.17 8.96 20.78
N GLY B 165 21.89 9.02 20.41
CA GLY B 165 20.92 7.99 20.77
C GLY B 165 21.26 6.56 20.42
N GLY B 166 22.38 6.35 19.74
CA GLY B 166 22.85 5.02 19.42
C GLY B 166 22.70 4.66 17.95
N PHE B 167 22.18 5.59 17.18
CA PHE B 167 21.90 5.34 15.76
C PHE B 167 23.18 5.38 14.92
N GLY B 168 24.29 5.82 15.54
CA GLY B 168 25.60 5.93 14.91
C GLY B 168 26.38 7.15 15.41
N ASP B 169 27.68 7.21 15.09
CA ASP B 169 28.50 8.39 15.39
C ASP B 169 28.55 9.23 14.11
N GLU B 170 28.96 10.49 14.13
CA GLU B 170 28.61 11.27 12.96
C GLU B 170 29.70 11.91 12.02
N ASP B 171 30.24 11.03 11.19
CA ASP B 171 31.01 11.38 10.02
C ASP B 171 30.05 11.03 8.86
N ASP B 172 28.79 11.45 8.99
CA ASP B 172 27.63 10.71 8.41
C ASP B 172 26.36 11.58 8.11
N MET B 173 25.85 12.16 9.21
CA MET B 173 24.57 12.83 9.34
C MET B 173 24.93 14.26 9.19
N ARG B 174 26.19 14.48 8.81
CA ARG B 174 26.71 15.81 8.60
C ARG B 174 25.69 16.63 7.81
N ASP B 175 25.25 16.06 6.69
CA ASP B 175 24.15 16.61 5.93
C ASP B 175 22.93 16.85 6.82
N ALA B 176 22.54 15.85 7.59
CA ALA B 176 21.31 15.94 8.38
C ALA B 176 21.50 16.78 9.64
N SER B 177 22.70 16.79 10.20
CA SER B 177 23.01 17.70 11.29
C SER B 177 23.01 19.13 10.77
N ALA B 178 23.60 19.32 9.60
CA ALA B 178 23.66 20.62 8.95
C ALA B 178 22.28 21.22 8.76
N TYR B 179 21.32 20.41 8.31
CA TYR B 179 19.98 20.90 8.08
C TYR B 179 19.28 21.30 9.38
N VAL B 180 19.30 20.41 10.36
CA VAL B 180 18.62 20.65 11.64
C VAL B 180 19.13 21.93 12.28
N ARG B 181 20.43 22.19 12.16
CA ARG B 181 21.03 23.42 12.67
C ARG B 181 20.50 24.65 11.94
N GLY B 182 20.33 24.54 10.63
CA GLY B 182 19.95 25.68 9.82
C GLY B 182 18.45 25.81 9.57
N ALA B 183 17.67 24.94 10.17
CA ALA B 183 16.22 24.95 9.98
C ALA B 183 15.52 25.92 10.94
N ASP B 184 14.58 26.70 10.40
CA ASP B 184 13.79 27.61 11.21
C ASP B 184 12.59 26.86 11.78
N VAL B 185 12.65 26.54 13.07
CA VAL B 185 11.67 25.69 13.71
C VAL B 185 10.32 26.39 13.93
N ASP B 186 10.35 27.71 14.08
CA ASP B 186 9.11 28.46 14.28
C ASP B 186 8.30 28.53 13.00
N GLY B 187 8.99 28.73 11.88
CA GLY B 187 8.33 28.79 10.59
C GLY B 187 7.80 27.44 10.15
N LEU B 188 8.54 26.38 10.47
CA LEU B 188 8.13 25.02 10.16
C LEU B 188 6.88 24.65 10.96
N ARG B 189 6.85 25.05 12.22
CA ARG B 189 5.69 24.82 13.07
C ARG B 189 4.49 25.64 12.61
N LEU B 190 4.76 26.88 12.19
CA LEU B 190 3.70 27.78 11.73
C LEU B 190 3.10 27.29 10.42
N ALA B 191 3.95 26.83 9.51
CA ALA B 191 3.50 26.32 8.22
C ALA B 191 2.77 24.99 8.39
N MET B 192 3.20 24.20 9.37
CA MET B 192 2.53 22.95 9.69
C MET B 192 1.13 23.21 10.21
N ALA B 193 0.99 24.30 10.97
CA ALA B 193 -0.28 24.66 11.59
C ALA B 193 -1.29 25.17 10.56
N ASN B 194 -0.81 25.51 9.37
CA ASN B 194 -1.68 26.03 8.31
C ASN B 194 -1.84 25.06 7.14
N GLY B 195 -2.93 25.23 6.40
CA GLY B 195 -3.27 24.34 5.30
C GLY B 195 -4.75 24.50 5.02
N GLU B 196 -5.54 23.51 5.39
CA GLU B 196 -6.97 23.73 5.63
C GLU B 196 -7.54 22.80 6.72
N CYS B 197 -7.08 22.96 7.97
CA CYS B 197 -6.04 23.91 8.31
C CYS B 197 -4.83 23.11 8.78
N SER B 198 -5.05 21.80 8.97
CA SER B 198 -4.01 20.84 9.33
C SER B 198 -3.16 21.28 10.54
#